data_6E20
#
_entry.id   6E20
#
_cell.length_a   40.438
_cell.length_b   40.438
_cell.length_c   303.639
_cell.angle_alpha   90.00
_cell.angle_beta   90.00
_cell.angle_gamma   120.00
#
_symmetry.space_group_name_H-M   'P 61'
#
loop_
_entity.id
_entity.type
_entity.pdbx_description
1 polymer Galectin
2 branched beta-D-galactopyranose-(1-4)-2-acetamido-2-deoxy-alpha-D-glucopyranose
3 non-polymer 'MAGNESIUM ION'
4 water water
#
_entity_poly.entity_id   1
_entity_poly.type   'polypeptide(L)'
_entity_poly.pdbx_seq_one_letter_code
;MAGVLIQNMSFKVGQTLTITGVPKPDSTNFAINIGHSPEDIALHMNPRFDAHGDQ(YCM)TIVCNSFQSGSW(YCM)EEH
RDDNFPFIQDKEFQIKITFTNEEFLVTLPDGSEIHFPNRQGSEKYKYMYFEGEVRIQGVEIK
;
_entity_poly.pdbx_strand_id   A,B
#
loop_
_chem_comp.id
_chem_comp.type
_chem_comp.name
_chem_comp.formula
GAL D-saccharide, beta linking beta-D-galactopyranose 'C6 H12 O6'
MG non-polymer 'MAGNESIUM ION' 'Mg 2'
NDG D-saccharide, alpha linking 2-acetamido-2-deoxy-alpha-D-glucopyranose 'C8 H15 N O6'
#
# COMPACT_ATOMS: atom_id res chain seq x y z
N ALA A 2 10.50 5.79 -9.27
CA ALA A 2 11.70 5.43 -8.44
C ALA A 2 11.27 5.00 -7.03
N GLY A 3 10.24 5.65 -6.48
CA GLY A 3 9.68 5.38 -5.14
C GLY A 3 8.42 4.52 -5.20
N VAL A 4 7.61 4.52 -4.15
CA VAL A 4 6.45 3.59 -4.01
C VAL A 4 5.24 4.18 -4.75
N LEU A 5 4.70 3.42 -5.70
CA LEU A 5 3.49 3.72 -6.53
C LEU A 5 2.35 2.79 -6.12
N ILE A 6 1.23 3.34 -5.70
CA ILE A 6 -0.01 2.59 -5.34
C ILE A 6 -1.14 3.07 -6.23
N GLN A 7 -1.66 2.22 -7.11
CA GLN A 7 -2.78 2.57 -8.03
C GLN A 7 -4.05 1.79 -7.62
N ASN A 8 -5.18 2.51 -7.56
CA ASN A 8 -6.58 2.00 -7.44
C ASN A 8 -6.90 1.57 -6.01
N MET A 9 -6.06 1.95 -5.04
CA MET A 9 -6.47 1.95 -3.62
C MET A 9 -7.29 3.22 -3.38
N SER A 10 -8.48 3.15 -2.78
CA SER A 10 -9.48 4.25 -2.85
C SER A 10 -9.43 5.10 -1.58
N PHE A 11 -9.15 6.40 -1.74
CA PHE A 11 -9.18 7.38 -0.63
C PHE A 11 -10.37 8.33 -0.88
N LYS A 12 -11.28 8.45 0.10
CA LYS A 12 -12.58 9.18 0.04
C LYS A 12 -12.85 10.03 1.30
N VAL A 13 -13.68 11.07 1.12
CA VAL A 13 -14.13 11.97 2.21
C VAL A 13 -14.72 11.10 3.31
N GLY A 14 -14.27 11.26 4.55
CA GLY A 14 -14.75 10.47 5.69
C GLY A 14 -13.67 9.52 6.15
N GLN A 15 -12.87 9.00 5.22
CA GLN A 15 -11.85 7.95 5.50
C GLN A 15 -10.58 8.58 6.07
N THR A 16 -9.92 7.87 6.98
CA THR A 16 -8.54 8.16 7.48
C THR A 16 -7.55 7.39 6.59
N LEU A 17 -6.64 8.10 5.92
CA LEU A 17 -5.42 7.50 5.32
C LEU A 17 -4.32 7.55 6.38
N THR A 18 -3.80 6.39 6.79
CA THR A 18 -2.64 6.28 7.71
C THR A 18 -1.41 5.81 6.92
N ILE A 19 -0.35 6.64 6.88
CA ILE A 19 0.99 6.33 6.33
C ILE A 19 1.94 6.06 7.50
N THR A 20 2.56 4.89 7.48
CA THR A 20 3.61 4.49 8.43
C THR A 20 4.90 4.40 7.63
N GLY A 21 5.97 5.02 8.09
CA GLY A 21 7.28 4.77 7.49
C GLY A 21 8.42 5.25 8.34
N VAL A 22 9.61 5.23 7.76
CA VAL A 22 10.88 5.57 8.47
C VAL A 22 11.73 6.32 7.46
N PRO A 23 12.08 7.59 7.75
CA PRO A 23 12.97 8.32 6.86
C PRO A 23 14.34 7.62 6.94
N LYS A 24 15.07 7.63 5.83
CA LYS A 24 16.42 7.06 5.76
C LYS A 24 17.32 7.86 6.69
N PRO A 25 18.41 7.26 7.24
CA PRO A 25 19.30 7.97 8.16
C PRO A 25 19.83 9.31 7.67
N ASP A 26 20.06 9.46 6.37
CA ASP A 26 20.59 10.70 5.74
C ASP A 26 19.51 11.29 4.82
N SER A 27 18.24 11.03 5.13
CA SER A 27 17.12 11.59 4.34
C SER A 27 17.30 13.11 4.29
N THR A 28 17.24 13.65 3.08
CA THR A 28 17.16 15.11 2.83
C THR A 28 15.68 15.52 2.81
N ASN A 29 14.83 14.67 2.25
CA ASN A 29 13.36 14.92 2.24
C ASN A 29 12.65 13.65 1.78
N PHE A 30 11.33 13.65 1.92
CA PHE A 30 10.43 12.64 1.32
C PHE A 30 9.09 13.31 1.07
N ALA A 31 8.29 12.70 0.20
CA ALA A 31 7.01 13.25 -0.32
C ALA A 31 5.95 12.16 -0.39
N ILE A 32 4.75 12.51 0.08
CA ILE A 32 3.47 11.76 -0.07
C ILE A 32 2.66 12.50 -1.13
N ASN A 33 2.37 11.83 -2.25
CA ASN A 33 1.58 12.39 -3.36
C ASN A 33 0.22 11.68 -3.39
N ILE A 34 -0.85 12.45 -3.40
CA ILE A 34 -2.26 11.96 -3.47
C ILE A 34 -2.95 12.73 -4.59
N GLY A 35 -3.40 12.04 -5.63
CA GLY A 35 -4.09 12.66 -6.78
C GLY A 35 -4.82 11.63 -7.64
N HIS A 36 -4.92 11.92 -8.93
CA HIS A 36 -5.57 11.09 -9.96
C HIS A 36 -4.49 10.39 -10.77
N SER A 37 -3.41 11.11 -11.03
CA SER A 37 -2.36 10.79 -12.02
C SER A 37 -1.06 11.42 -11.56
N PRO A 38 0.08 11.10 -12.21
CA PRO A 38 1.33 11.85 -12.02
C PRO A 38 1.28 13.33 -12.39
N GLU A 39 0.45 13.70 -13.38
CA GLU A 39 0.28 15.10 -13.88
C GLU A 39 -0.80 15.84 -13.07
N ASP A 40 -1.49 15.16 -12.18
CA ASP A 40 -2.61 15.79 -11.42
C ASP A 40 -2.51 15.37 -9.95
N ILE A 41 -1.80 16.17 -9.12
CA ILE A 41 -1.51 15.91 -7.68
C ILE A 41 -2.30 16.90 -6.81
N ALA A 42 -3.23 16.42 -6.00
CA ALA A 42 -4.11 17.27 -5.17
C ALA A 42 -3.40 17.60 -3.84
N LEU A 43 -2.69 16.63 -3.26
CA LEU A 43 -1.83 16.88 -2.07
C LEU A 43 -0.45 16.31 -2.34
N HIS A 44 0.55 17.20 -2.35
CA HIS A 44 2.01 16.90 -2.23
C HIS A 44 2.45 17.36 -0.85
N MET A 45 2.75 16.42 0.04
CA MET A 45 3.17 16.77 1.40
C MET A 45 4.64 16.36 1.55
N ASN A 46 5.52 17.34 1.72
CA ASN A 46 6.96 17.20 1.43
C ASN A 46 7.76 17.66 2.66
N PRO A 47 7.92 16.79 3.69
CA PRO A 47 8.83 17.09 4.79
C PRO A 47 10.30 17.16 4.33
N ARG A 48 10.95 18.28 4.64
CA ARG A 48 12.33 18.58 4.21
C ARG A 48 13.22 18.65 5.45
N PHE A 49 14.09 17.63 5.63
CA PHE A 49 15.19 17.68 6.60
C PHE A 49 16.13 18.80 6.15
N ASP A 50 16.55 18.77 4.89
CA ASP A 50 17.52 19.70 4.30
C ASP A 50 17.42 19.57 2.79
N ALA A 51 16.53 20.30 2.14
CA ALA A 51 16.38 20.26 0.66
C ALA A 51 15.85 21.59 0.16
N HIS A 52 16.39 22.09 -0.95
CA HIS A 52 15.87 23.27 -1.68
C HIS A 52 16.07 24.54 -0.83
N GLY A 53 17.09 24.55 0.02
CA GLY A 53 17.36 25.67 0.95
C GLY A 53 16.54 25.60 2.24
N ASP A 54 15.71 24.58 2.42
CA ASP A 54 14.78 24.44 3.58
C ASP A 54 15.32 23.37 4.55
N GLN A 55 15.44 23.69 5.83
CA GLN A 55 15.79 22.72 6.90
C GLN A 55 14.57 22.57 7.83
N YCM A 56 14.15 21.34 8.11
CA YCM A 56 13.12 21.08 9.14
CB YCM A 56 13.72 21.40 10.50
SG YCM A 56 15.32 20.59 10.74
CD YCM A 56 15.50 20.75 12.54
CE YCM A 56 14.60 19.76 13.22
OZ1 YCM A 56 14.86 18.57 13.16
NZ2 YCM A 56 13.54 20.26 13.80
C YCM A 56 11.86 21.87 8.80
O YCM A 56 11.26 22.46 9.72
N THR A 57 11.44 21.80 7.54
CA THR A 57 10.21 22.46 7.06
C THR A 57 9.36 21.44 6.30
N ILE A 58 8.06 21.49 6.51
CA ILE A 58 7.05 20.74 5.70
C ILE A 58 6.50 21.68 4.65
N VAL A 59 6.63 21.29 3.38
CA VAL A 59 6.07 22.04 2.21
C VAL A 59 4.89 21.23 1.69
N CYS A 60 3.72 21.87 1.62
CA CYS A 60 2.51 21.28 1.01
C CYS A 60 2.14 22.11 -0.23
N ASN A 61 1.69 21.42 -1.26
CA ASN A 61 1.37 22.08 -2.55
C ASN A 61 0.53 21.12 -3.39
N SER A 62 0.12 21.58 -4.56
CA SER A 62 -0.64 20.80 -5.54
C SER A 62 -0.02 21.03 -6.92
N PHE A 63 -0.20 20.09 -7.84
CA PHE A 63 0.41 20.11 -9.19
C PHE A 63 -0.67 19.76 -10.23
N GLN A 64 -0.94 20.71 -11.11
CA GLN A 64 -1.99 20.59 -12.16
C GLN A 64 -1.55 21.43 -13.36
N SER A 65 -1.84 20.96 -14.58
CA SER A 65 -1.65 21.69 -15.87
C SER A 65 -0.17 22.04 -16.05
N GLY A 66 0.73 21.23 -15.49
CA GLY A 66 2.18 21.31 -15.71
C GLY A 66 2.87 22.29 -14.77
N SER A 67 2.23 22.72 -13.67
CA SER A 67 2.78 23.76 -12.74
C SER A 67 2.47 23.43 -11.28
N TRP A 68 3.43 23.68 -10.39
CA TRP A 68 3.17 23.75 -8.92
C TRP A 68 2.31 24.98 -8.62
N YCM A 69 1.41 24.89 -7.65
CA YCM A 69 0.53 26.02 -7.22
CB YCM A 69 -0.85 25.45 -6.93
SG YCM A 69 -2.09 26.71 -6.52
CD YCM A 69 -2.25 27.59 -8.11
CE YCM A 69 -1.91 29.05 -7.92
OZ1 YCM A 69 -0.76 29.43 -8.12
NZ2 YCM A 69 -2.88 29.82 -7.48
C YCM A 69 1.23 26.72 -6.06
O YCM A 69 2.47 26.62 -5.98
N GLU A 70 0.50 27.40 -5.16
CA GLU A 70 1.14 28.14 -4.03
C GLU A 70 1.46 27.18 -2.88
N GLU A 71 2.67 27.29 -2.33
CA GLU A 71 3.14 26.40 -1.22
C GLU A 71 2.50 26.85 0.09
N HIS A 72 2.18 25.86 0.90
CA HIS A 72 1.82 26.05 2.31
C HIS A 72 3.04 25.52 3.09
N ARG A 73 3.72 26.38 3.84
CA ARG A 73 4.97 26.01 4.56
C ARG A 73 4.77 26.01 6.08
N ASP A 74 5.25 24.97 6.75
CA ASP A 74 5.11 24.79 8.21
C ASP A 74 6.47 24.44 8.84
N ASP A 75 6.79 25.17 9.89
CA ASP A 75 8.05 25.11 10.68
C ASP A 75 7.92 24.02 11.74
N ASN A 76 6.70 23.51 11.93
CA ASN A 76 6.42 22.39 12.85
C ASN A 76 6.88 21.10 12.18
N PHE A 77 7.90 20.43 12.74
CA PHE A 77 8.62 19.32 12.05
C PHE A 77 8.85 18.17 13.02
N PRO A 78 7.85 17.32 13.29
CA PRO A 78 7.99 16.23 14.24
C PRO A 78 8.42 14.95 13.50
N PHE A 79 9.53 15.05 12.78
CA PHE A 79 10.14 13.94 12.02
C PHE A 79 11.61 13.87 12.40
N ILE A 80 12.14 12.66 12.52
CA ILE A 80 13.58 12.42 12.81
C ILE A 80 14.09 11.35 11.84
N GLN A 81 15.27 11.59 11.25
CA GLN A 81 15.88 10.59 10.35
C GLN A 81 15.93 9.26 11.12
N ASP A 82 15.62 8.14 10.45
CA ASP A 82 15.72 6.76 10.97
C ASP A 82 14.79 6.53 12.17
N LYS A 83 13.73 7.32 12.36
CA LYS A 83 12.70 7.04 13.42
CA LYS A 83 12.70 7.06 13.41
C LYS A 83 11.32 6.90 12.77
N GLU A 84 10.60 5.86 13.15
CA GLU A 84 9.26 5.56 12.59
C GLU A 84 8.28 6.71 12.86
N PHE A 85 7.49 7.06 11.86
CA PHE A 85 6.39 8.06 11.97
C PHE A 85 5.10 7.37 11.58
N GLN A 86 4.00 7.88 12.12
CA GLN A 86 2.64 7.67 11.57
C GLN A 86 2.05 9.04 11.23
N ILE A 87 1.45 9.15 10.05
CA ILE A 87 0.85 10.39 9.48
C ILE A 87 -0.60 10.02 9.10
N LYS A 88 -1.58 10.64 9.73
CA LYS A 88 -3.01 10.40 9.43
C LYS A 88 -3.48 11.59 8.59
N ILE A 89 -4.09 11.27 7.46
CA ILE A 89 -4.73 12.25 6.54
C ILE A 89 -6.22 11.94 6.50
N THR A 90 -7.02 12.98 6.70
CA THR A 90 -8.50 13.03 6.57
C THR A 90 -8.76 14.07 5.49
N PHE A 91 -9.75 13.88 4.64
CA PHE A 91 -10.12 15.03 3.80
C PHE A 91 -11.62 15.13 3.60
N THR A 92 -11.97 16.33 3.23
CA THR A 92 -13.34 16.81 3.00
C THR A 92 -13.28 17.51 1.65
N ASN A 93 -14.42 18.01 1.17
CA ASN A 93 -14.47 18.90 -0.02
C ASN A 93 -13.62 20.14 0.28
N GLU A 94 -13.54 20.64 1.53
CA GLU A 94 -12.83 21.92 1.83
C GLU A 94 -11.31 21.69 1.84
N GLU A 95 -10.84 20.66 2.55
CA GLU A 95 -9.40 20.58 2.88
C GLU A 95 -8.96 19.16 3.26
N PHE A 96 -7.66 18.93 3.09
CA PHE A 96 -6.93 17.81 3.72
C PHE A 96 -6.55 18.23 5.12
N LEU A 97 -6.91 17.44 6.11
CA LEU A 97 -6.45 17.64 7.48
C LEU A 97 -5.37 16.59 7.75
N VAL A 98 -4.13 17.02 7.89
CA VAL A 98 -2.96 16.12 8.15
C VAL A 98 -2.65 16.17 9.64
N THR A 99 -2.69 15.00 10.28
CA THR A 99 -2.33 14.79 11.69
C THR A 99 -0.91 14.21 11.72
N LEU A 100 0.00 14.98 12.33
CA LEU A 100 1.44 14.67 12.36
C LEU A 100 1.73 13.74 13.52
N PRO A 101 2.90 13.07 13.53
CA PRO A 101 3.25 12.09 14.54
C PRO A 101 3.09 12.56 15.99
N ASP A 102 3.19 13.87 16.26
CA ASP A 102 3.11 14.43 17.64
C ASP A 102 1.68 14.88 17.98
N GLY A 103 0.69 14.58 17.15
CA GLY A 103 -0.72 15.01 17.38
C GLY A 103 -0.99 16.43 16.90
N SER A 104 0.01 17.16 16.39
CA SER A 104 -0.20 18.48 15.74
C SER A 104 -0.82 18.24 14.35
N GLU A 105 -1.44 19.28 13.77
CA GLU A 105 -2.17 19.19 12.48
C GLU A 105 -1.72 20.26 11.49
N ILE A 106 -1.85 19.96 10.20
CA ILE A 106 -1.72 20.93 9.07
C ILE A 106 -3.04 20.92 8.32
N HIS A 107 -3.55 22.09 7.96
CA HIS A 107 -4.71 22.27 7.06
C HIS A 107 -4.15 22.65 5.70
N PHE A 108 -4.45 21.88 4.66
CA PHE A 108 -4.08 22.23 3.27
C PHE A 108 -5.36 22.18 2.45
N PRO A 109 -5.66 23.21 1.64
CA PRO A 109 -6.89 23.21 0.84
C PRO A 109 -6.96 22.06 -0.18
N ASN A 110 -8.16 21.47 -0.33
CA ASN A 110 -8.50 20.51 -1.41
C ASN A 110 -8.84 21.32 -2.66
N ARG A 111 -7.82 21.82 -3.35
CA ARG A 111 -7.99 22.75 -4.50
C ARG A 111 -8.65 21.99 -5.65
N GLN A 112 -8.47 20.67 -5.70
CA GLN A 112 -9.02 19.83 -6.79
C GLN A 112 -10.54 19.62 -6.57
N GLY A 113 -10.94 19.30 -5.34
CA GLY A 113 -12.37 19.07 -5.04
C GLY A 113 -12.89 17.88 -5.84
N SER A 114 -12.44 16.67 -5.48
CA SER A 114 -12.83 15.42 -6.20
C SER A 114 -13.65 14.45 -5.33
N GLU A 115 -13.36 14.36 -4.03
CA GLU A 115 -14.14 13.51 -3.07
C GLU A 115 -13.68 12.04 -3.09
N LYS A 116 -12.76 11.68 -3.97
CA LYS A 116 -12.21 10.30 -4.15
C LYS A 116 -10.89 10.33 -4.93
N TYR A 117 -9.79 9.79 -4.37
CA TYR A 117 -8.46 9.76 -5.05
C TYR A 117 -7.94 8.30 -5.14
N LYS A 118 -7.40 7.93 -6.31
CA LYS A 118 -7.07 6.54 -6.72
C LYS A 118 -5.59 6.43 -7.17
N TYR A 119 -4.76 7.42 -6.87
CA TYR A 119 -3.31 7.40 -7.22
C TYR A 119 -2.52 7.91 -6.02
N MET A 120 -1.56 7.11 -5.54
CA MET A 120 -0.63 7.53 -4.45
C MET A 120 0.81 7.21 -4.84
N TYR A 121 1.70 8.19 -4.71
CA TYR A 121 3.15 8.08 -5.06
C TYR A 121 3.99 8.66 -3.93
N PHE A 122 4.87 7.83 -3.37
CA PHE A 122 5.80 8.21 -2.29
C PHE A 122 7.19 8.33 -2.91
N GLU A 123 7.81 9.48 -2.67
CA GLU A 123 9.10 9.90 -3.28
C GLU A 123 10.13 10.09 -2.18
N GLY A 124 11.40 9.94 -2.54
CA GLY A 124 12.56 10.41 -1.76
C GLY A 124 13.06 9.35 -0.80
N GLU A 125 13.84 9.77 0.19
CA GLU A 125 14.65 8.88 1.06
C GLU A 125 13.80 8.49 2.28
N VAL A 126 12.93 7.50 2.12
CA VAL A 126 12.01 7.00 3.18
C VAL A 126 11.70 5.54 2.85
N ARG A 127 11.38 4.76 3.88
CA ARG A 127 10.82 3.39 3.72
C ARG A 127 9.34 3.47 4.09
N ILE A 128 8.46 3.29 3.12
CA ILE A 128 7.00 3.21 3.41
C ILE A 128 6.70 1.80 3.95
N GLN A 129 6.25 1.72 5.21
CA GLN A 129 5.93 0.45 5.90
C GLN A 129 4.41 0.22 6.01
N GLY A 130 3.60 1.27 5.85
CA GLY A 130 2.17 1.22 6.21
C GLY A 130 1.34 2.10 5.30
N VAL A 131 0.32 1.54 4.64
CA VAL A 131 -0.70 2.33 3.90
C VAL A 131 -2.08 1.74 4.19
N GLU A 132 -2.91 2.43 4.98
CA GLU A 132 -4.27 1.96 5.35
C GLU A 132 -5.28 3.10 5.29
N ILE A 133 -6.47 2.78 4.75
CA ILE A 133 -7.58 3.72 4.45
C ILE A 133 -8.81 3.35 5.29
N ALA B 2 -7.81 -3.76 -13.80
CA ALA B 2 -6.50 -4.38 -13.44
C ALA B 2 -6.18 -4.17 -11.95
N GLY B 3 -7.17 -3.96 -11.08
CA GLY B 3 -7.06 -4.09 -9.61
C GLY B 3 -6.02 -3.15 -9.02
N VAL B 4 -5.65 -3.41 -7.77
CA VAL B 4 -4.71 -2.58 -6.96
C VAL B 4 -3.27 -3.03 -7.26
N LEU B 5 -2.41 -2.10 -7.70
CA LEU B 5 -1.00 -2.38 -8.04
C LEU B 5 -0.11 -1.61 -7.06
N ILE B 6 0.80 -2.30 -6.39
CA ILE B 6 1.78 -1.67 -5.48
C ILE B 6 3.18 -2.01 -5.98
N GLN B 7 3.96 -0.99 -6.36
CA GLN B 7 5.35 -1.18 -6.85
C GLN B 7 6.33 -0.53 -5.89
N ASN B 8 7.38 -1.28 -5.54
CA ASN B 8 8.60 -0.80 -4.87
C ASN B 8 8.38 -0.66 -3.36
N MET B 9 7.30 -1.21 -2.83
CA MET B 9 7.13 -1.41 -1.37
C MET B 9 7.79 -2.76 -0.99
N SER B 10 9.09 -2.75 -0.70
CA SER B 10 9.91 -3.98 -0.60
C SER B 10 9.44 -4.90 0.53
N PHE B 11 9.18 -6.16 0.19
CA PHE B 11 8.82 -7.24 1.14
C PHE B 11 9.98 -8.24 1.16
N LYS B 12 10.69 -8.27 2.28
CA LYS B 12 11.96 -9.05 2.43
C LYS B 12 11.75 -10.22 3.38
N VAL B 13 12.61 -11.22 3.27
CA VAL B 13 12.69 -12.36 4.23
C VAL B 13 12.79 -11.80 5.65
N GLY B 14 11.82 -12.12 6.51
CA GLY B 14 11.83 -11.79 7.94
C GLY B 14 10.74 -10.81 8.33
N GLN B 15 10.13 -10.12 7.37
CA GLN B 15 9.07 -9.13 7.67
C GLN B 15 7.71 -9.84 7.63
N THR B 16 6.70 -9.28 8.27
CA THR B 16 5.30 -9.72 8.06
C THR B 16 4.64 -8.70 7.15
N LEU B 17 3.91 -9.21 6.15
CA LEU B 17 3.00 -8.42 5.31
C LEU B 17 1.57 -8.62 5.85
N THR B 18 0.92 -7.54 6.30
CA THR B 18 -0.47 -7.54 6.81
C THR B 18 -1.35 -6.91 5.74
N ILE B 19 -2.33 -7.66 5.24
CA ILE B 19 -3.28 -7.20 4.19
C ILE B 19 -4.65 -7.13 4.84
N THR B 20 -5.26 -5.94 4.81
CA THR B 20 -6.64 -5.69 5.26
C THR B 20 -7.51 -5.41 4.03
N GLY B 21 -8.61 -6.13 3.92
CA GLY B 21 -9.49 -6.08 2.76
C GLY B 21 -10.87 -6.56 3.09
N VAL B 22 -11.78 -6.35 2.14
CA VAL B 22 -13.17 -6.85 2.18
C VAL B 22 -13.49 -7.39 0.79
N PRO B 23 -13.86 -8.68 0.66
CA PRO B 23 -14.29 -9.19 -0.63
C PRO B 23 -15.52 -8.36 -1.02
N LYS B 24 -15.64 -8.01 -2.30
CA LYS B 24 -16.86 -7.34 -2.83
C LYS B 24 -18.08 -8.18 -2.49
N PRO B 25 -19.26 -7.56 -2.31
CA PRO B 25 -20.47 -8.33 -1.96
C PRO B 25 -20.77 -9.47 -2.94
N ASP B 26 -20.39 -9.32 -4.21
CA ASP B 26 -20.68 -10.29 -5.28
C ASP B 26 -19.40 -11.02 -5.68
N SER B 27 -18.38 -11.03 -4.82
CA SER B 27 -17.08 -11.68 -5.13
C SER B 27 -17.26 -13.16 -5.46
N THR B 28 -16.65 -13.63 -6.57
CA THR B 28 -16.55 -15.06 -6.91
C THR B 28 -15.19 -15.55 -6.43
N ASN B 29 -14.22 -14.65 -6.41
CA ASN B 29 -12.82 -14.98 -6.07
C ASN B 29 -12.01 -13.68 -6.05
N PHE B 30 -10.79 -13.76 -5.52
CA PHE B 30 -9.81 -12.64 -5.56
C PHE B 30 -8.43 -13.23 -5.39
N ALA B 31 -7.38 -12.47 -5.70
CA ALA B 31 -6.01 -12.98 -5.65
C ALA B 31 -5.05 -11.88 -5.19
N ILE B 32 -4.10 -12.32 -4.36
CA ILE B 32 -2.89 -11.61 -3.91
C ILE B 32 -1.73 -12.22 -4.70
N ASN B 33 -1.03 -11.36 -5.43
CA ASN B 33 0.12 -11.73 -6.28
C ASN B 33 1.33 -11.04 -5.68
N ILE B 34 2.31 -11.83 -5.20
CA ILE B 34 3.61 -11.28 -4.72
C ILE B 34 4.71 -11.81 -5.66
N GLY B 35 5.54 -10.92 -6.17
CA GLY B 35 6.61 -11.36 -7.09
C GLY B 35 7.48 -10.22 -7.55
N HIS B 36 8.02 -10.32 -8.76
CA HIS B 36 8.93 -9.33 -9.39
C HIS B 36 8.17 -8.49 -10.42
N SER B 37 7.14 -9.02 -11.06
CA SER B 37 6.49 -8.39 -12.24
C SER B 37 5.24 -9.17 -12.58
N PRO B 38 4.37 -8.67 -13.49
CA PRO B 38 3.19 -9.42 -13.92
C PRO B 38 3.52 -10.81 -14.51
N GLU B 39 4.75 -11.00 -15.00
CA GLU B 39 5.21 -12.24 -15.66
C GLU B 39 6.03 -13.10 -14.70
N ASP B 40 6.23 -12.68 -13.45
CA ASP B 40 7.07 -13.44 -12.49
C ASP B 40 6.44 -13.28 -11.10
N ILE B 41 5.54 -14.18 -10.74
CA ILE B 41 4.79 -14.15 -9.46
C ILE B 41 5.24 -15.36 -8.63
N ALA B 42 5.82 -15.12 -7.47
CA ALA B 42 6.34 -16.13 -6.52
C ALA B 42 5.21 -16.78 -5.72
N LEU B 43 4.24 -15.95 -5.29
CA LEU B 43 2.99 -16.40 -4.63
C LEU B 43 1.76 -15.76 -5.28
N HIS B 44 0.91 -16.60 -5.84
CA HIS B 44 -0.46 -16.30 -6.26
C HIS B 44 -1.39 -16.96 -5.24
N MET B 45 -2.09 -16.18 -4.43
CA MET B 45 -3.01 -16.74 -3.41
C MET B 45 -4.42 -16.33 -3.78
N ASN B 46 -5.28 -17.31 -4.04
CA ASN B 46 -6.55 -17.10 -4.77
C ASN B 46 -7.67 -17.76 -3.99
N PRO B 47 -8.19 -17.09 -2.94
CA PRO B 47 -9.45 -17.49 -2.32
C PRO B 47 -10.59 -17.46 -3.36
N ARG B 48 -11.24 -18.61 -3.56
CA ARG B 48 -12.35 -18.82 -4.51
C ARG B 48 -13.64 -19.11 -3.73
N PHE B 49 -14.59 -18.16 -3.75
CA PHE B 49 -15.97 -18.39 -3.26
C PHE B 49 -16.59 -19.43 -4.19
N ASP B 50 -16.49 -19.16 -5.49
CA ASP B 50 -17.02 -20.04 -6.56
C ASP B 50 -16.45 -19.58 -7.90
N ALA B 51 -15.35 -20.18 -8.35
CA ALA B 51 -14.66 -19.82 -9.60
C ALA B 51 -13.72 -20.96 -10.02
N HIS B 52 -13.51 -21.22 -11.33
CA HIS B 52 -12.54 -22.22 -11.88
C HIS B 52 -12.98 -23.64 -11.45
N GLY B 53 -14.26 -23.79 -11.13
CA GLY B 53 -14.87 -25.07 -10.66
C GLY B 53 -14.59 -25.35 -9.18
N ASP B 54 -14.01 -24.40 -8.44
CA ASP B 54 -13.78 -24.52 -6.97
C ASP B 54 -14.79 -23.67 -6.19
N GLN B 55 -15.32 -24.22 -5.10
CA GLN B 55 -16.21 -23.55 -4.12
C GLN B 55 -15.48 -23.49 -2.77
N YCM B 56 -15.47 -22.31 -2.11
CA YCM B 56 -14.79 -22.04 -0.81
CB YCM B 56 -15.79 -22.30 0.30
SG YCM B 56 -17.38 -21.51 -0.04
CD YCM B 56 -17.59 -20.33 1.32
CE YCM B 56 -17.78 -21.04 2.64
OZ1 YCM B 56 -17.90 -22.26 2.66
NZ2 YCM B 56 -17.77 -20.27 3.72
C YCM B 56 -13.48 -22.83 -0.71
O YCM B 56 -13.29 -23.59 0.26
N THR B 57 -12.57 -22.59 -1.67
CA THR B 57 -11.22 -23.21 -1.75
C THR B 57 -10.20 -22.10 -1.97
N ILE B 58 -9.09 -22.15 -1.24
CA ILE B 58 -7.90 -21.26 -1.46
C ILE B 58 -6.94 -22.04 -2.36
N VAL B 59 -6.70 -21.50 -3.55
CA VAL B 59 -5.69 -22.06 -4.50
C VAL B 59 -4.44 -21.18 -4.46
N CYS B 60 -3.29 -21.78 -4.17
CA CYS B 60 -1.99 -21.10 -4.25
C CYS B 60 -1.17 -21.72 -5.39
N ASN B 61 -0.43 -20.88 -6.10
CA ASN B 61 0.42 -21.33 -7.23
C ASN B 61 1.49 -20.28 -7.46
N SER B 62 2.37 -20.55 -8.39
CA SER B 62 3.38 -19.58 -8.84
C SER B 62 3.26 -19.49 -10.35
N PHE B 63 3.60 -18.33 -10.92
CA PHE B 63 3.46 -18.04 -12.37
C PHE B 63 4.80 -17.52 -12.86
N GLN B 64 5.37 -18.15 -13.87
CA GLN B 64 6.63 -17.67 -14.50
C GLN B 64 6.65 -18.01 -15.97
N SER B 65 6.97 -17.03 -16.82
CA SER B 65 7.29 -17.27 -18.25
C SER B 65 6.07 -17.86 -18.96
N GLY B 66 4.89 -17.28 -18.71
CA GLY B 66 3.61 -17.69 -19.33
C GLY B 66 2.90 -18.86 -18.65
N SER B 67 3.51 -19.49 -17.63
CA SER B 67 3.09 -20.84 -17.16
C SER B 67 2.72 -20.85 -15.66
N TRP B 68 1.62 -21.51 -15.36
CA TRP B 68 1.25 -21.78 -13.95
C TRP B 68 1.97 -23.07 -13.54
N YCM B 69 2.38 -23.18 -12.29
CA YCM B 69 3.06 -24.39 -11.81
CB YCM B 69 4.27 -23.94 -11.03
SG YCM B 69 5.29 -25.25 -10.34
CD YCM B 69 6.22 -25.82 -11.78
CE YCM B 69 5.37 -26.67 -12.70
OZ1 YCM B 69 4.71 -27.59 -12.23
NZ2 YCM B 69 5.37 -26.35 -13.97
C YCM B 69 2.04 -25.29 -11.10
O YCM B 69 0.88 -25.27 -11.48
N GLU B 70 2.45 -26.05 -10.08
CA GLU B 70 1.55 -26.99 -9.39
C GLU B 70 0.73 -26.29 -8.31
N GLU B 71 -0.59 -26.47 -8.36
CA GLU B 71 -1.54 -25.85 -7.41
C GLU B 71 -1.40 -26.52 -6.04
N HIS B 72 -1.39 -25.72 -4.99
CA HIS B 72 -1.70 -26.12 -3.59
C HIS B 72 -3.12 -25.66 -3.28
N ARG B 73 -3.92 -26.54 -2.70
CA ARG B 73 -5.36 -26.28 -2.44
C ARG B 73 -5.63 -26.47 -0.95
N ASP B 74 -6.33 -25.51 -0.36
CA ASP B 74 -6.76 -25.56 1.04
C ASP B 74 -8.28 -25.37 1.11
N ASP B 75 -8.93 -26.23 1.88
CA ASP B 75 -10.38 -26.27 2.13
C ASP B 75 -10.72 -25.29 3.27
N ASN B 76 -9.71 -24.84 4.02
CA ASN B 76 -9.89 -23.82 5.08
C ASN B 76 -10.24 -22.47 4.43
N PHE B 77 -11.42 -21.90 4.69
CA PHE B 77 -11.97 -20.75 3.94
C PHE B 77 -12.72 -19.80 4.87
N PRO B 78 -12.00 -18.99 5.68
CA PRO B 78 -12.66 -18.05 6.58
C PRO B 78 -12.79 -16.67 5.92
N PHE B 79 -13.26 -16.64 4.66
CA PHE B 79 -13.63 -15.38 3.98
C PHE B 79 -15.12 -15.37 3.75
N ILE B 80 -15.70 -14.17 3.76
CA ILE B 80 -17.14 -13.96 3.47
C ILE B 80 -17.28 -12.71 2.62
N GLN B 81 -18.15 -12.79 1.62
CA GLN B 81 -18.56 -11.63 0.78
C GLN B 81 -18.92 -10.48 1.73
N ASP B 82 -18.34 -9.32 1.46
CA ASP B 82 -18.58 -8.02 2.16
C ASP B 82 -18.13 -8.04 3.63
N LYS B 83 -17.27 -8.98 4.06
CA LYS B 83 -16.78 -8.99 5.46
C LYS B 83 -15.29 -8.72 5.46
N GLU B 84 -14.85 -7.78 6.28
CA GLU B 84 -13.41 -7.41 6.41
C GLU B 84 -12.62 -8.64 6.86
N PHE B 85 -11.44 -8.81 6.29
CA PHE B 85 -10.44 -9.81 6.72
C PHE B 85 -9.09 -9.12 6.89
N GLN B 86 -8.25 -9.78 7.69
CA GLN B 86 -6.82 -9.48 7.86
C GLN B 86 -6.05 -10.79 7.66
N ILE B 87 -5.11 -10.76 6.72
CA ILE B 87 -4.17 -11.86 6.35
C ILE B 87 -2.75 -11.38 6.64
N LYS B 88 -1.93 -12.27 7.21
CA LYS B 88 -0.49 -12.02 7.45
C LYS B 88 0.27 -12.99 6.58
N ILE B 89 1.37 -12.52 5.99
CA ILE B 89 2.30 -13.35 5.17
C ILE B 89 3.71 -13.07 5.69
N THR B 90 4.36 -14.14 6.14
CA THR B 90 5.79 -14.20 6.49
C THR B 90 6.50 -15.03 5.42
N PHE B 91 7.72 -14.72 5.04
CA PHE B 91 8.47 -15.71 4.22
C PHE B 91 9.94 -15.77 4.56
N THR B 92 10.50 -16.89 4.11
CA THR B 92 11.90 -17.33 4.24
C THR B 92 12.30 -17.67 2.82
N ASN B 93 13.59 -17.94 2.58
CA ASN B 93 14.07 -18.46 1.27
C ASN B 93 13.21 -19.68 0.88
N GLU B 94 12.76 -20.46 1.86
CA GLU B 94 12.10 -21.77 1.62
C GLU B 94 10.60 -21.60 1.35
N GLU B 95 9.87 -20.80 2.12
CA GLU B 95 8.39 -20.81 1.92
C GLU B 95 7.70 -19.54 2.44
N PHE B 96 6.48 -19.32 1.94
CA PHE B 96 5.54 -18.31 2.48
C PHE B 96 4.71 -18.96 3.57
N LEU B 97 4.51 -18.24 4.67
CA LEU B 97 3.59 -18.69 5.74
C LEU B 97 2.46 -17.67 5.81
N VAL B 98 1.29 -18.07 5.34
CA VAL B 98 0.06 -17.24 5.38
C VAL B 98 -0.70 -17.57 6.65
N THR B 99 -0.93 -16.57 7.48
CA THR B 99 -1.86 -16.67 8.64
C THR B 99 -3.19 -16.06 8.18
N LEU B 100 -4.23 -16.87 8.22
CA LEU B 100 -5.60 -16.50 7.83
C LEU B 100 -6.30 -15.86 9.01
N PRO B 101 -7.44 -15.17 8.78
CA PRO B 101 -8.19 -14.49 9.84
C PRO B 101 -8.41 -15.38 11.07
N ASP B 102 -8.83 -16.64 10.87
CA ASP B 102 -9.19 -17.55 11.97
C ASP B 102 -7.92 -18.17 12.59
N GLY B 103 -6.74 -17.58 12.39
CA GLY B 103 -5.48 -18.03 13.03
C GLY B 103 -4.88 -19.27 12.36
N SER B 104 -5.60 -19.90 11.43
CA SER B 104 -5.10 -21.07 10.67
C SER B 104 -4.01 -20.63 9.70
N GLU B 105 -3.24 -21.56 9.16
CA GLU B 105 -2.01 -21.27 8.36
C GLU B 105 -2.00 -22.03 7.04
N ILE B 106 -1.35 -21.46 6.03
CA ILE B 106 -1.06 -22.10 4.72
C ILE B 106 0.46 -22.03 4.54
N HIS B 107 1.09 -23.12 4.15
CA HIS B 107 2.53 -23.20 3.83
C HIS B 107 2.60 -23.34 2.32
N PHE B 108 3.24 -22.43 1.62
CA PHE B 108 3.43 -22.51 0.15
C PHE B 108 4.91 -22.28 -0.15
N PRO B 109 5.59 -23.17 -0.91
CA PRO B 109 7.00 -22.99 -1.18
C PRO B 109 7.29 -21.71 -1.97
N ASN B 110 8.38 -21.07 -1.57
CA ASN B 110 9.03 -19.96 -2.31
C ASN B 110 9.89 -20.55 -3.43
N ARG B 111 9.26 -21.05 -4.49
CA ARG B 111 9.93 -21.71 -5.65
C ARG B 111 10.84 -20.71 -6.38
N GLN B 112 10.42 -19.45 -6.50
CA GLN B 112 11.23 -18.39 -7.16
C GLN B 112 12.54 -18.19 -6.39
N GLY B 113 12.54 -18.38 -5.08
CA GLY B 113 13.76 -18.44 -4.26
C GLY B 113 14.28 -17.08 -3.80
N SER B 114 13.72 -15.96 -4.29
CA SER B 114 14.27 -14.62 -3.97
C SER B 114 13.98 -14.29 -2.51
N GLU B 115 14.80 -13.40 -1.92
CA GLU B 115 14.67 -12.88 -0.54
C GLU B 115 14.00 -11.50 -0.54
N LYS B 116 13.68 -10.93 -1.70
CA LYS B 116 13.00 -9.61 -1.78
C LYS B 116 12.09 -9.55 -3.00
N TYR B 117 10.85 -9.08 -2.79
CA TYR B 117 9.80 -8.90 -3.83
C TYR B 117 9.27 -7.46 -3.77
N LYS B 118 9.27 -6.77 -4.92
CA LYS B 118 8.91 -5.33 -5.02
C LYS B 118 7.67 -5.14 -5.93
N TYR B 119 6.99 -6.24 -6.26
CA TYR B 119 5.74 -6.24 -7.06
C TYR B 119 4.60 -6.88 -6.25
N MET B 120 3.52 -6.14 -6.00
CA MET B 120 2.29 -6.70 -5.36
C MET B 120 1.07 -6.28 -6.20
N TYR B 121 0.22 -7.24 -6.52
CA TYR B 121 -0.96 -7.02 -7.37
C TYR B 121 -2.14 -7.77 -6.75
N PHE B 122 -3.20 -7.03 -6.43
CA PHE B 122 -4.46 -7.56 -5.87
C PHE B 122 -5.51 -7.51 -6.99
N GLU B 123 -6.04 -8.67 -7.37
CA GLU B 123 -6.92 -8.77 -8.56
C GLU B 123 -8.23 -9.45 -8.16
N GLY B 124 -9.25 -9.19 -8.96
CA GLY B 124 -10.59 -9.72 -8.73
C GLY B 124 -11.37 -8.88 -7.76
N GLU B 125 -12.45 -9.47 -7.27
CA GLU B 125 -13.57 -8.77 -6.60
C GLU B 125 -13.23 -8.62 -5.10
N VAL B 126 -12.30 -7.73 -4.79
CA VAL B 126 -11.86 -7.39 -3.40
C VAL B 126 -11.48 -5.92 -3.34
N ARG B 127 -11.73 -5.26 -2.21
CA ARG B 127 -11.21 -3.90 -1.95
C ARG B 127 -10.09 -4.03 -0.92
N ILE B 128 -8.94 -3.44 -1.24
CA ILE B 128 -7.75 -3.45 -0.34
C ILE B 128 -7.75 -2.15 0.45
N GLN B 129 -7.87 -2.27 1.77
CA GLN B 129 -7.95 -1.13 2.72
C GLN B 129 -6.61 -0.94 3.42
N GLY B 130 -5.75 -1.97 3.49
CA GLY B 130 -4.48 -1.87 4.22
C GLY B 130 -3.41 -2.79 3.69
N VAL B 131 -2.22 -2.24 3.47
CA VAL B 131 -0.97 -2.98 3.21
C VAL B 131 0.08 -2.44 4.18
N GLU B 132 0.52 -3.31 5.09
CA GLU B 132 1.56 -2.99 6.11
C GLU B 132 2.67 -4.03 6.00
N ILE B 133 3.92 -3.56 6.00
CA ILE B 133 5.13 -4.43 5.96
C ILE B 133 6.08 -3.93 7.03
N LYS B 134 6.43 -4.77 8.00
CA LYS B 134 7.52 -4.50 8.98
C LYS B 134 8.25 -5.82 9.30
C1 NDG C . 10.95 27.49 -5.02
C2 NDG C . 10.39 26.84 -3.76
C3 NDG C . 10.69 25.34 -3.74
C4 NDG C . 10.18 24.72 -5.04
C5 NDG C . 10.75 25.46 -6.25
C6 NDG C . 10.26 24.92 -7.58
C7 NDG C . 10.08 28.50 -1.98
C8 NDG C . 10.52 29.08 -0.68
O5 NDG C . 10.47 26.85 -6.18
O3 NDG C . 10.01 24.75 -2.61
O4 NDG C . 10.57 23.34 -5.10
O6 NDG C . 8.84 25.00 -7.73
O7 NDG C . 9.03 28.88 -2.49
N2 NDG C . 10.84 27.52 -2.55
O1 NDG C . 12.39 27.43 -4.99
C1 GAL C . 9.54 22.45 -5.49
C2 GAL C . 10.21 21.08 -5.63
C3 GAL C . 9.21 19.98 -5.89
C4 GAL C . 8.02 20.09 -4.96
C5 GAL C . 7.47 21.52 -4.91
C6 GAL C . 6.37 21.81 -3.89
O2 GAL C . 11.17 21.09 -6.69
O3 GAL C . 9.91 18.76 -5.62
O4 GAL C . 8.44 19.65 -3.65
O5 GAL C . 8.49 22.40 -4.51
O6 GAL C . 6.00 23.19 -3.92
C1 NDG D . -7.53 -26.11 -13.87
C2 NDG D . -7.59 -25.60 -12.39
C3 NDG D . -7.80 -24.12 -12.26
C4 NDG D . -6.92 -23.36 -13.22
C5 NDG D . -7.24 -23.82 -14.65
C6 NDG D . -6.51 -23.00 -15.72
C7 NDG D . -8.40 -27.34 -11.11
C8 NDG D . -8.71 -28.43 -10.11
O5 NDG D . -6.90 -25.20 -14.78
O3 NDG D . -7.51 -23.89 -10.88
O4 NDG D . -7.30 -22.00 -13.05
O6 NDG D . -5.10 -23.04 -15.46
O7 NDG D . -7.76 -27.40 -11.98
N2 NDG D . -8.61 -26.10 -11.41
O1 NDG D . -8.83 -26.42 -14.35
C1 GAL D . -6.23 -21.07 -12.98
C2 GAL D . -6.88 -19.71 -12.96
C3 GAL D . -5.82 -18.63 -12.77
C4 GAL D . -4.98 -18.95 -11.53
C5 GAL D . -4.39 -20.37 -11.67
C6 GAL D . -3.58 -20.83 -10.44
O2 GAL D . -7.53 -19.56 -14.23
O3 GAL D . -6.44 -17.37 -12.64
O4 GAL D . -5.88 -18.84 -10.42
O5 GAL D . -5.45 -21.30 -11.84
O6 GAL D . -3.23 -22.22 -10.54
MG MG E . 17.17 28.39 3.36
MG MG F . -13.38 28.41 3.39
#